data_6DL1
# 
_entry.id   6DL1 
# 
_audit_conform.dict_name       mmcif_pdbx.dic 
_audit_conform.dict_version    5.397 
_audit_conform.dict_location   http://mmcif.pdb.org/dictionaries/ascii/mmcif_pdbx.dic 
# 
loop_
_database_2.database_id 
_database_2.database_code 
_database_2.pdbx_database_accession 
_database_2.pdbx_DOI 
PDB   6DL1         pdb_00006dl1 10.2210/pdb6dl1/pdb 
WWPDB D_1000234837 ?            ?                   
# 
loop_
_pdbx_audit_revision_history.ordinal 
_pdbx_audit_revision_history.data_content_type 
_pdbx_audit_revision_history.major_revision 
_pdbx_audit_revision_history.minor_revision 
_pdbx_audit_revision_history.revision_date 
1 'Structure model' 1 0 2018-11-14 
2 'Structure model' 1 1 2018-12-05 
3 'Structure model' 1 2 2020-01-01 
4 'Structure model' 1 3 2024-10-30 
# 
_pdbx_audit_revision_details.ordinal             1 
_pdbx_audit_revision_details.revision_ordinal    1 
_pdbx_audit_revision_details.data_content_type   'Structure model' 
_pdbx_audit_revision_details.provider            repository 
_pdbx_audit_revision_details.type                'Initial release' 
_pdbx_audit_revision_details.description         ? 
_pdbx_audit_revision_details.details             ? 
# 
loop_
_pdbx_audit_revision_group.ordinal 
_pdbx_audit_revision_group.revision_ordinal 
_pdbx_audit_revision_group.data_content_type 
_pdbx_audit_revision_group.group 
1 2 'Structure model' 'Data collection'            
2 2 'Structure model' 'Database references'        
3 3 'Structure model' 'Author supporting evidence' 
4 3 'Structure model' 'Derived calculations'       
5 4 'Structure model' 'Data collection'            
6 4 'Structure model' 'Database references'        
7 4 'Structure model' 'Experimental preparation'   
8 4 'Structure model' 'Structure summary'          
# 
loop_
_pdbx_audit_revision_category.ordinal 
_pdbx_audit_revision_category.revision_ordinal 
_pdbx_audit_revision_category.data_content_type 
_pdbx_audit_revision_category.category 
1 2 'Structure model' citation                  
2 3 'Structure model' pdbx_audit_support        
3 3 'Structure model' struct_conn               
4 4 'Structure model' chem_comp_atom            
5 4 'Structure model' chem_comp_bond            
6 4 'Structure model' database_2                
7 4 'Structure model' exptl_crystal             
8 4 'Structure model' pdbx_entry_details        
9 4 'Structure model' pdbx_modification_feature 
# 
loop_
_pdbx_audit_revision_item.ordinal 
_pdbx_audit_revision_item.revision_ordinal 
_pdbx_audit_revision_item.data_content_type 
_pdbx_audit_revision_item.item 
1 2 'Structure model' '_citation.journal_volume'                 
2 2 'Structure model' '_citation.page_first'                     
3 2 'Structure model' '_citation.page_last'                      
4 3 'Structure model' '_pdbx_audit_support.funding_organization' 
5 3 'Structure model' '_struct_conn.pdbx_leaving_atom_flag'      
6 4 'Structure model' '_database_2.pdbx_DOI'                     
7 4 'Structure model' '_database_2.pdbx_database_accession'      
8 4 'Structure model' '_exptl_crystal.density_Matthews'          
9 4 'Structure model' '_exptl_crystal.density_percent_sol'       
# 
_pdbx_database_status.status_code                     REL 
_pdbx_database_status.status_code_sf                  REL 
_pdbx_database_status.status_code_mr                  ? 
_pdbx_database_status.entry_id                        6DL1 
_pdbx_database_status.recvd_initial_deposition_date   2018-05-31 
_pdbx_database_status.SG_entry                        N 
_pdbx_database_status.deposit_site                    RCSB 
_pdbx_database_status.process_site                    RCSB 
_pdbx_database_status.status_code_cs                  ? 
_pdbx_database_status.methods_development_category    ? 
_pdbx_database_status.pdb_format_compatible           Y 
_pdbx_database_status.status_code_nmr_data            ? 
# 
loop_
_audit_author.name 
_audit_author.pdbx_ordinal 
_audit_author.identifier_ORCID 
'Wang, C.K.'    1 ? 
'King, G.J.'    2 ? 
'Ramalho, S.D.' 3 ? 
# 
_citation.abstract                  ? 
_citation.abstract_id_CAS           ? 
_citation.book_id_ISBN              ? 
_citation.book_publisher            ? 
_citation.book_publisher_city       ? 
_citation.book_title                ? 
_citation.coordinate_linkage        ? 
_citation.country                   US 
_citation.database_id_Medline       ? 
_citation.details                   ? 
_citation.id                        primary 
_citation.journal_abbrev            'J. Nat. Prod.' 
_citation.journal_id_ASTM           ? 
_citation.journal_id_CSD            ? 
_citation.journal_id_ISSN           1520-6025 
_citation.journal_full              ? 
_citation.journal_issue             ? 
_citation.journal_volume            81 
_citation.language                  ? 
_citation.page_first                2436 
_citation.page_last                 2445 
_citation.title                     
'Synthesis, Racemic X-ray Crystallographic, and Permeability Studies of Bioactive Orbitides from Jatropha Species.' 
_citation.year                      2018 
_citation.database_id_CSD           ? 
_citation.pdbx_database_id_DOI      10.1021/acs.jnatprod.8b00447 
_citation.pdbx_database_id_PubMed   30345754 
_citation.unpublished_flag          ? 
# 
loop_
_citation_author.citation_id 
_citation_author.name 
_citation_author.ordinal 
_citation_author.identifier_ORCID 
primary 'Ramalho, S.D.' 1 0000-0001-5314-4487 
primary 'Wang, C.K.'    2 0000-0002-7973-7632 
primary 'King, G.J.'    3 ?                   
primary 'Byriel, K.A.'  4 ?                   
primary 'Huang, Y.H.'   5 0000-0001-6937-2660 
primary 'Bolzani, V.S.' 6 0000-0001-7019-5825 
primary 'Craik, D.J.'   7 0000-0003-0007-6796 
# 
loop_
_entity.id 
_entity.type 
_entity.src_method 
_entity.pdbx_description 
_entity.formula_weight 
_entity.pdbx_number_of_molecules 
_entity.pdbx_ec 
_entity.pdbx_mutation 
_entity.pdbx_fragment 
_entity.details 
1 polymer syn jatrophidin 869.020 1 ? ? ? ? 
2 water   nat water       18.015  8 ? ? ? ? 
# 
_entity_poly.entity_id                      1 
_entity_poly.type                           'polypeptide(L)' 
_entity_poly.nstd_linkage                   no 
_entity_poly.nstd_monomer                   no 
_entity_poly.pdbx_seq_one_letter_code       PGLLNLWG 
_entity_poly.pdbx_seq_one_letter_code_can   PGLLNLWG 
_entity_poly.pdbx_strand_id                 A 
_entity_poly.pdbx_target_identifier         ? 
# 
_pdbx_entity_nonpoly.entity_id   2 
_pdbx_entity_nonpoly.name        water 
_pdbx_entity_nonpoly.comp_id     HOH 
# 
loop_
_entity_poly_seq.entity_id 
_entity_poly_seq.num 
_entity_poly_seq.mon_id 
_entity_poly_seq.hetero 
1 1 PRO n 
1 2 GLY n 
1 3 LEU n 
1 4 LEU n 
1 5 ASN n 
1 6 LEU n 
1 7 TRP n 
1 8 GLY n 
# 
_pdbx_entity_src_syn.entity_id              1 
_pdbx_entity_src_syn.pdbx_src_id            1 
_pdbx_entity_src_syn.pdbx_alt_source_flag   sample 
_pdbx_entity_src_syn.pdbx_beg_seq_num       1 
_pdbx_entity_src_syn.pdbx_end_seq_num       8 
_pdbx_entity_src_syn.organism_scientific    'Jatropha curcas' 
_pdbx_entity_src_syn.organism_common_name   ? 
_pdbx_entity_src_syn.ncbi_taxonomy_id       180498 
_pdbx_entity_src_syn.details                ? 
# 
loop_
_chem_comp.id 
_chem_comp.type 
_chem_comp.mon_nstd_flag 
_chem_comp.name 
_chem_comp.pdbx_synonyms 
_chem_comp.formula 
_chem_comp.formula_weight 
ASN 'L-peptide linking' y ASPARAGINE ? 'C4 H8 N2 O3'   132.118 
GLY 'peptide linking'   y GLYCINE    ? 'C2 H5 N O2'    75.067  
HOH non-polymer         . WATER      ? 'H2 O'          18.015  
LEU 'L-peptide linking' y LEUCINE    ? 'C6 H13 N O2'   131.173 
PRO 'L-peptide linking' y PROLINE    ? 'C5 H9 N O2'    115.130 
TRP 'L-peptide linking' y TRYPTOPHAN ? 'C11 H12 N2 O2' 204.225 
# 
loop_
_pdbx_poly_seq_scheme.asym_id 
_pdbx_poly_seq_scheme.entity_id 
_pdbx_poly_seq_scheme.seq_id 
_pdbx_poly_seq_scheme.mon_id 
_pdbx_poly_seq_scheme.ndb_seq_num 
_pdbx_poly_seq_scheme.pdb_seq_num 
_pdbx_poly_seq_scheme.auth_seq_num 
_pdbx_poly_seq_scheme.pdb_mon_id 
_pdbx_poly_seq_scheme.auth_mon_id 
_pdbx_poly_seq_scheme.pdb_strand_id 
_pdbx_poly_seq_scheme.pdb_ins_code 
_pdbx_poly_seq_scheme.hetero 
A 1 1 PRO 1 1 1 PRO PRO A . n 
A 1 2 GLY 2 2 2 GLY GLY A . n 
A 1 3 LEU 3 3 3 LEU LEU A . n 
A 1 4 LEU 4 4 4 LEU LEU A . n 
A 1 5 ASN 5 5 5 ASN ASN A . n 
A 1 6 LEU 6 6 6 LEU LEU A . n 
A 1 7 TRP 7 7 7 TRP TRP A . n 
A 1 8 GLY 8 8 8 GLY GLY A . n 
# 
loop_
_pdbx_nonpoly_scheme.asym_id 
_pdbx_nonpoly_scheme.entity_id 
_pdbx_nonpoly_scheme.mon_id 
_pdbx_nonpoly_scheme.ndb_seq_num 
_pdbx_nonpoly_scheme.pdb_seq_num 
_pdbx_nonpoly_scheme.auth_seq_num 
_pdbx_nonpoly_scheme.pdb_mon_id 
_pdbx_nonpoly_scheme.auth_mon_id 
_pdbx_nonpoly_scheme.pdb_strand_id 
_pdbx_nonpoly_scheme.pdb_ins_code 
B 2 HOH 1 101 5  HOH HOH A . 
B 2 HOH 2 102 6  HOH HOH A . 
B 2 HOH 3 103 2  HOH HOH A . 
B 2 HOH 4 104 1  HOH HOH A . 
B 2 HOH 5 105 4  HOH HOH A . 
B 2 HOH 6 106 3  HOH HOH A . 
B 2 HOH 7 107 9  HOH HOH A . 
B 2 HOH 8 108 12 HOH HOH A . 
# 
loop_
_software.citation_id 
_software.classification 
_software.compiler_name 
_software.compiler_version 
_software.contact_author 
_software.contact_author_email 
_software.date 
_software.description 
_software.dependencies 
_software.hardware 
_software.language 
_software.location 
_software.mods 
_software.name 
_software.os 
_software.os_version 
_software.type 
_software.version 
_software.pdbx_ordinal 
? refinement       ? ? ? ? ? ? ? ? ? ? ? PHENIX  ? ? ? '(1.10_2142: ???)' 1 
? 'data reduction' ? ? ? ? ? ? ? ? ? ? ? XDS     ? ? ? .                  2 
? 'data scaling'   ? ? ? ? ? ? ? ? ? ? ? Aimless ? ? ? .                  3 
? phasing          ? ? ? ? ? ? ? ? ? ? ? PHASER  ? ? ? .                  4 
# 
_cell.angle_alpha                  90.00 
_cell.angle_alpha_esd              ? 
_cell.angle_beta                   94.75 
_cell.angle_beta_esd               ? 
_cell.angle_gamma                  90.00 
_cell.angle_gamma_esd              ? 
_cell.entry_id                     6DL1 
_cell.details                      ? 
_cell.formula_units_Z              ? 
_cell.length_a                     20.495 
_cell.length_a_esd                 ? 
_cell.length_b                     9.558 
_cell.length_b_esd                 ? 
_cell.length_c                     30.021 
_cell.length_c_esd                 ? 
_cell.volume                       ? 
_cell.volume_esd                   ? 
_cell.Z_PDB                        4 
_cell.reciprocal_angle_alpha       ? 
_cell.reciprocal_angle_beta        ? 
_cell.reciprocal_angle_gamma       ? 
_cell.reciprocal_angle_alpha_esd   ? 
_cell.reciprocal_angle_beta_esd    ? 
_cell.reciprocal_angle_gamma_esd   ? 
_cell.reciprocal_length_a          ? 
_cell.reciprocal_length_b          ? 
_cell.reciprocal_length_c          ? 
_cell.reciprocal_length_a_esd      ? 
_cell.reciprocal_length_b_esd      ? 
_cell.reciprocal_length_c_esd      ? 
_cell.pdbx_unique_axis             ? 
# 
_symmetry.entry_id                         6DL1 
_symmetry.cell_setting                     ? 
_symmetry.Int_Tables_number                14 
_symmetry.space_group_name_Hall            ? 
_symmetry.space_group_name_H-M             'P 1 21/n 1' 
_symmetry.pdbx_full_space_group_name_H-M   ? 
# 
_exptl.absorpt_coefficient_mu     ? 
_exptl.absorpt_correction_T_max   ? 
_exptl.absorpt_correction_T_min   ? 
_exptl.absorpt_correction_type    ? 
_exptl.absorpt_process_details    ? 
_exptl.entry_id                   6DL1 
_exptl.crystals_number            1 
_exptl.details                    ? 
_exptl.method                     'X-RAY DIFFRACTION' 
_exptl.method_details             ? 
# 
_exptl_crystal.colour                      ? 
_exptl_crystal.density_diffrn              ? 
_exptl_crystal.density_Matthews            1.69 
_exptl_crystal.density_method              ? 
_exptl_crystal.density_percent_sol         27.05 
_exptl_crystal.description                 ? 
_exptl_crystal.F_000                       ? 
_exptl_crystal.id                          1 
_exptl_crystal.preparation                 ? 
_exptl_crystal.size_max                    ? 
_exptl_crystal.size_mid                    ? 
_exptl_crystal.size_min                    ? 
_exptl_crystal.size_rad                    ? 
_exptl_crystal.colour_lustre               ? 
_exptl_crystal.colour_modifier             ? 
_exptl_crystal.colour_primary              ? 
_exptl_crystal.density_meas                ? 
_exptl_crystal.density_meas_esd            ? 
_exptl_crystal.density_meas_gt             ? 
_exptl_crystal.density_meas_lt             ? 
_exptl_crystal.density_meas_temp           ? 
_exptl_crystal.density_meas_temp_esd       ? 
_exptl_crystal.density_meas_temp_gt        ? 
_exptl_crystal.density_meas_temp_lt        ? 
_exptl_crystal.pdbx_crystal_image_url      ? 
_exptl_crystal.pdbx_crystal_image_format   ? 
_exptl_crystal.pdbx_mosaicity              ? 
_exptl_crystal.pdbx_mosaicity_esd          ? 
# 
_exptl_crystal_grow.apparatus       ? 
_exptl_crystal_grow.atmosphere      ? 
_exptl_crystal_grow.crystal_id      1 
_exptl_crystal_grow.details         ? 
_exptl_crystal_grow.method          'VAPOR DIFFUSION, HANGING DROP' 
_exptl_crystal_grow.method_ref      ? 
_exptl_crystal_grow.pH              ? 
_exptl_crystal_grow.pressure        ? 
_exptl_crystal_grow.pressure_esd    ? 
_exptl_crystal_grow.seeding         ? 
_exptl_crystal_grow.seeding_ref     ? 
_exptl_crystal_grow.temp            293 
_exptl_crystal_grow.temp_details    ? 
_exptl_crystal_grow.temp_esd        ? 
_exptl_crystal_grow.time            ? 
_exptl_crystal_grow.pdbx_details    '0.1 M Tris base (pH 8.0), 1 M LiCl, and 20% w/v polyethylene glycol 6000' 
_exptl_crystal_grow.pdbx_pH_range   ? 
# 
_diffrn.ambient_environment              ? 
_diffrn.ambient_temp                     100 
_diffrn.ambient_temp_details             ? 
_diffrn.ambient_temp_esd                 ? 
_diffrn.crystal_id                       1 
_diffrn.crystal_support                  ? 
_diffrn.crystal_treatment                ? 
_diffrn.details                          ? 
_diffrn.id                               1 
_diffrn.ambient_pressure                 ? 
_diffrn.ambient_pressure_esd             ? 
_diffrn.ambient_pressure_gt              ? 
_diffrn.ambient_pressure_lt              ? 
_diffrn.ambient_temp_gt                  ? 
_diffrn.ambient_temp_lt                  ? 
_diffrn.pdbx_serial_crystal_experiment   ? 
# 
_diffrn_detector.details                      ? 
_diffrn_detector.detector                     CCD 
_diffrn_detector.diffrn_id                    1 
_diffrn_detector.type                         'ADSC QUANTUM 315r' 
_diffrn_detector.area_resol_mean              ? 
_diffrn_detector.dtime                        ? 
_diffrn_detector.pdbx_frames_total            ? 
_diffrn_detector.pdbx_collection_time_total   ? 
_diffrn_detector.pdbx_collection_date         2017-08-26 
_diffrn_detector.pdbx_frequency               ? 
# 
_diffrn_radiation.collimation                      ? 
_diffrn_radiation.diffrn_id                        1 
_diffrn_radiation.filter_edge                      ? 
_diffrn_radiation.inhomogeneity                    ? 
_diffrn_radiation.monochromator                    ? 
_diffrn_radiation.polarisn_norm                    ? 
_diffrn_radiation.polarisn_ratio                   ? 
_diffrn_radiation.probe                            ? 
_diffrn_radiation.type                             ? 
_diffrn_radiation.xray_symbol                      ? 
_diffrn_radiation.wavelength_id                    1 
_diffrn_radiation.pdbx_monochromatic_or_laue_m_l   M 
_diffrn_radiation.pdbx_wavelength_list             ? 
_diffrn_radiation.pdbx_wavelength                  ? 
_diffrn_radiation.pdbx_diffrn_protocol             'SINGLE WAVELENGTH' 
_diffrn_radiation.pdbx_analyzer                    ? 
_diffrn_radiation.pdbx_scattering_type             x-ray 
# 
_diffrn_radiation_wavelength.id           1 
_diffrn_radiation_wavelength.wavelength   0.9537 
_diffrn_radiation_wavelength.wt           1.0 
# 
_diffrn_source.current                     ? 
_diffrn_source.details                     ? 
_diffrn_source.diffrn_id                   1 
_diffrn_source.power                       ? 
_diffrn_source.size                        ? 
_diffrn_source.source                      SYNCHROTRON 
_diffrn_source.target                      ? 
_diffrn_source.type                        'AUSTRALIAN SYNCHROTRON BEAMLINE MX2' 
_diffrn_source.voltage                     ? 
_diffrn_source.take-off_angle              ? 
_diffrn_source.pdbx_wavelength_list        0.9537 
_diffrn_source.pdbx_wavelength             ? 
_diffrn_source.pdbx_synchrotron_beamline   MX2 
_diffrn_source.pdbx_synchrotron_site       'Australian Synchrotron' 
# 
_reflns.B_iso_Wilson_estimate            ? 
_reflns.entry_id                         6DL1 
_reflns.data_reduction_details           ? 
_reflns.data_reduction_method            ? 
_reflns.d_resolution_high                1.029 
_reflns.d_resolution_low                 29.92 
_reflns.details                          ? 
_reflns.limit_h_max                      ? 
_reflns.limit_h_min                      ? 
_reflns.limit_k_max                      ? 
_reflns.limit_k_min                      ? 
_reflns.limit_l_max                      ? 
_reflns.limit_l_min                      ? 
_reflns.number_all                       ? 
_reflns.number_obs                       6044 
_reflns.observed_criterion               ? 
_reflns.observed_criterion_F_max         ? 
_reflns.observed_criterion_F_min         ? 
_reflns.observed_criterion_I_max         ? 
_reflns.observed_criterion_I_min         ? 
_reflns.observed_criterion_sigma_F       ? 
_reflns.observed_criterion_sigma_I       ? 
_reflns.percent_possible_obs             99.4 
_reflns.R_free_details                   ? 
_reflns.Rmerge_F_all                     ? 
_reflns.Rmerge_F_obs                     ? 
_reflns.Friedel_coverage                 ? 
_reflns.number_gt                        ? 
_reflns.threshold_expression             ? 
_reflns.pdbx_redundancy                  6.1 
_reflns.pdbx_Rmerge_I_obs                0.065 
_reflns.pdbx_Rmerge_I_all                ? 
_reflns.pdbx_Rsym_value                  ? 
_reflns.pdbx_netI_over_av_sigmaI         ? 
_reflns.pdbx_netI_over_sigmaI            13.5 
_reflns.pdbx_res_netI_over_av_sigmaI_2   ? 
_reflns.pdbx_res_netI_over_sigmaI_2      ? 
_reflns.pdbx_chi_squared                 ? 
_reflns.pdbx_scaling_rejects             ? 
_reflns.pdbx_d_res_high_opt              ? 
_reflns.pdbx_d_res_low_opt               ? 
_reflns.pdbx_d_res_opt_method            ? 
_reflns.phase_calculation_details        ? 
_reflns.pdbx_Rrim_I_all                  ? 
_reflns.pdbx_Rpim_I_all                  ? 
_reflns.pdbx_d_opt                       ? 
_reflns.pdbx_number_measured_all         ? 
_reflns.pdbx_diffrn_id                   1 
_reflns.pdbx_ordinal                     1 
_reflns.pdbx_CC_half                     ? 
_reflns.pdbx_R_split                     ? 
# 
_reflns_shell.d_res_high                  1.029 
_reflns_shell.d_res_low                   1.05 
_reflns_shell.meanI_over_sigI_all         ? 
_reflns_shell.meanI_over_sigI_obs         ? 
_reflns_shell.number_measured_all         ? 
_reflns_shell.number_measured_obs         ? 
_reflns_shell.number_possible             ? 
_reflns_shell.number_unique_all           ? 
_reflns_shell.number_unique_obs           ? 
_reflns_shell.percent_possible_all        ? 
_reflns_shell.percent_possible_obs        ? 
_reflns_shell.Rmerge_F_all                ? 
_reflns_shell.Rmerge_F_obs                ? 
_reflns_shell.Rmerge_I_all                ? 
_reflns_shell.Rmerge_I_obs                0.121 
_reflns_shell.meanI_over_sigI_gt          ? 
_reflns_shell.meanI_over_uI_all           ? 
_reflns_shell.meanI_over_uI_gt            ? 
_reflns_shell.number_measured_gt          ? 
_reflns_shell.number_unique_gt            ? 
_reflns_shell.percent_possible_gt         ? 
_reflns_shell.Rmerge_F_gt                 ? 
_reflns_shell.Rmerge_I_gt                 ? 
_reflns_shell.pdbx_redundancy             ? 
_reflns_shell.pdbx_Rsym_value             ? 
_reflns_shell.pdbx_chi_squared            ? 
_reflns_shell.pdbx_netI_over_sigmaI_all   ? 
_reflns_shell.pdbx_netI_over_sigmaI_obs   ? 
_reflns_shell.pdbx_Rrim_I_all             ? 
_reflns_shell.pdbx_Rpim_I_all             ? 
_reflns_shell.pdbx_rejects                ? 
_reflns_shell.pdbx_ordinal                1 
_reflns_shell.pdbx_diffrn_id              1 
_reflns_shell.pdbx_CC_half                ? 
_reflns_shell.pdbx_R_split                ? 
# 
_refine.aniso_B[1][1]                            ? 
_refine.aniso_B[1][2]                            ? 
_refine.aniso_B[1][3]                            ? 
_refine.aniso_B[2][2]                            ? 
_refine.aniso_B[2][3]                            ? 
_refine.aniso_B[3][3]                            ? 
_refine.B_iso_max                                ? 
_refine.B_iso_mean                               ? 
_refine.B_iso_min                                ? 
_refine.correlation_coeff_Fo_to_Fc               ? 
_refine.correlation_coeff_Fo_to_Fc_free          ? 
_refine.details                                  ? 
_refine.diff_density_max                         ? 
_refine.diff_density_max_esd                     ? 
_refine.diff_density_min                         ? 
_refine.diff_density_min_esd                     ? 
_refine.diff_density_rms                         ? 
_refine.diff_density_rms_esd                     ? 
_refine.entry_id                                 6DL1 
_refine.pdbx_refine_id                           'X-RAY DIFFRACTION' 
_refine.ls_abs_structure_details                 ? 
_refine.ls_abs_structure_Flack                   ? 
_refine.ls_abs_structure_Flack_esd               ? 
_refine.ls_abs_structure_Rogers                  ? 
_refine.ls_abs_structure_Rogers_esd              ? 
_refine.ls_d_res_high                            1.029 
_refine.ls_d_res_low                             17.559 
_refine.ls_extinction_coef                       ? 
_refine.ls_extinction_coef_esd                   ? 
_refine.ls_extinction_expression                 ? 
_refine.ls_extinction_method                     ? 
_refine.ls_goodness_of_fit_all                   ? 
_refine.ls_goodness_of_fit_all_esd               ? 
_refine.ls_goodness_of_fit_obs                   ? 
_refine.ls_goodness_of_fit_obs_esd               ? 
_refine.ls_hydrogen_treatment                    ? 
_refine.ls_matrix_type                           ? 
_refine.ls_number_constraints                    ? 
_refine.ls_number_parameters                     ? 
_refine.ls_number_reflns_all                     ? 
_refine.ls_number_reflns_obs                     5592 
_refine.ls_number_reflns_R_free                  554 
_refine.ls_number_reflns_R_work                  ? 
_refine.ls_number_restraints                     ? 
_refine.ls_percent_reflns_obs                    99.38 
_refine.ls_percent_reflns_R_free                 9.91 
_refine.ls_R_factor_all                          ? 
_refine.ls_R_factor_obs                          0.1937 
_refine.ls_R_factor_R_free                       0.2111 
_refine.ls_R_factor_R_free_error                 ? 
_refine.ls_R_factor_R_free_error_details         ? 
_refine.ls_R_factor_R_work                       0.1919 
_refine.ls_R_Fsqd_factor_obs                     ? 
_refine.ls_R_I_factor_obs                        ? 
_refine.ls_redundancy_reflns_all                 ? 
_refine.ls_redundancy_reflns_obs                 ? 
_refine.ls_restrained_S_all                      ? 
_refine.ls_restrained_S_obs                      ? 
_refine.ls_shift_over_esd_max                    ? 
_refine.ls_shift_over_esd_mean                   ? 
_refine.ls_structure_factor_coef                 ? 
_refine.ls_weighting_details                     ? 
_refine.ls_weighting_scheme                      ? 
_refine.ls_wR_factor_all                         ? 
_refine.ls_wR_factor_obs                         ? 
_refine.ls_wR_factor_R_free                      ? 
_refine.ls_wR_factor_R_work                      ? 
_refine.occupancy_max                            ? 
_refine.occupancy_min                            ? 
_refine.solvent_model_details                    'FLAT BULK SOLVENT MODEL' 
_refine.solvent_model_param_bsol                 ? 
_refine.solvent_model_param_ksol                 ? 
_refine.ls_R_factor_gt                           ? 
_refine.ls_goodness_of_fit_gt                    ? 
_refine.ls_goodness_of_fit_ref                   ? 
_refine.ls_shift_over_su_max                     ? 
_refine.ls_shift_over_su_max_lt                  ? 
_refine.ls_shift_over_su_mean                    ? 
_refine.ls_shift_over_su_mean_lt                 ? 
_refine.pdbx_ls_sigma_I                          ? 
_refine.pdbx_ls_sigma_F                          1.44 
_refine.pdbx_ls_sigma_Fsqd                       ? 
_refine.pdbx_data_cutoff_high_absF               ? 
_refine.pdbx_data_cutoff_high_rms_absF           ? 
_refine.pdbx_data_cutoff_low_absF                ? 
_refine.pdbx_isotropic_thermal_model             ? 
_refine.pdbx_ls_cross_valid_method               'FREE R-VALUE' 
_refine.pdbx_method_to_determine_struct          ? 
_refine.pdbx_starting_model                      ? 
_refine.pdbx_stereochemistry_target_values       ML 
_refine.pdbx_R_Free_selection_details            ? 
_refine.pdbx_stereochem_target_val_spec_case     ? 
_refine.pdbx_overall_ESU_R                       ? 
_refine.pdbx_overall_ESU_R_Free                  ? 
_refine.pdbx_solvent_vdw_probe_radii             1.11 
_refine.pdbx_solvent_ion_probe_radii             ? 
_refine.pdbx_solvent_shrinkage_radii             0.90 
_refine.pdbx_real_space_R                        ? 
_refine.pdbx_density_correlation                 ? 
_refine.pdbx_pd_number_of_powder_patterns        ? 
_refine.pdbx_pd_number_of_points                 ? 
_refine.pdbx_pd_meas_number_of_points            ? 
_refine.pdbx_pd_proc_ls_prof_R_factor            ? 
_refine.pdbx_pd_proc_ls_prof_wR_factor           ? 
_refine.pdbx_pd_Marquardt_correlation_coeff      ? 
_refine.pdbx_pd_Fsqrd_R_factor                   ? 
_refine.pdbx_pd_ls_matrix_band_width             ? 
_refine.pdbx_overall_phase_error                 13.62 
_refine.pdbx_overall_SU_R_free_Cruickshank_DPI   ? 
_refine.pdbx_overall_SU_R_free_Blow_DPI          ? 
_refine.pdbx_overall_SU_R_Blow_DPI               ? 
_refine.pdbx_TLS_residual_ADP_flag               ? 
_refine.pdbx_diffrn_id                           1 
_refine.overall_SU_B                             ? 
_refine.overall_SU_ML                            0.02 
_refine.overall_SU_R_Cruickshank_DPI             ? 
_refine.overall_SU_R_free                        ? 
_refine.overall_FOM_free_R_set                   ? 
_refine.overall_FOM_work_R_set                   ? 
_refine.pdbx_average_fsc_overall                 ? 
_refine.pdbx_average_fsc_work                    ? 
_refine.pdbx_average_fsc_free                    ? 
# 
_refine_hist.pdbx_refine_id                   'X-RAY DIFFRACTION' 
_refine_hist.cycle_id                         LAST 
_refine_hist.pdbx_number_atoms_protein        61 
_refine_hist.pdbx_number_atoms_nucleic_acid   0 
_refine_hist.pdbx_number_atoms_ligand         0 
_refine_hist.number_atoms_solvent             8 
_refine_hist.number_atoms_total               69 
_refine_hist.d_res_high                       1.029 
_refine_hist.d_res_low                        17.559 
# 
loop_
_refine_ls_restr.pdbx_refine_id 
_refine_ls_restr.criterion 
_refine_ls_restr.dev_ideal 
_refine_ls_restr.dev_ideal_target 
_refine_ls_restr.number 
_refine_ls_restr.rejects 
_refine_ls_restr.type 
_refine_ls_restr.weight 
_refine_ls_restr.pdbx_restraint_function 
'X-RAY DIFFRACTION' ? 0.005 ? 63 ? f_bond_d           ? ? 
'X-RAY DIFFRACTION' ? 0.901 ? 85 ? f_angle_d          ? ? 
'X-RAY DIFFRACTION' ? 4.314 ? 20 ? f_dihedral_angle_d ? ? 
'X-RAY DIFFRACTION' ? 0.053 ? 9  ? f_chiral_restr     ? ? 
'X-RAY DIFFRACTION' ? 0.006 ? 9  ? f_plane_restr      ? ? 
# 
loop_
_refine_ls_shell.pdbx_refine_id 
_refine_ls_shell.d_res_high 
_refine_ls_shell.d_res_low 
_refine_ls_shell.number_reflns_all 
_refine_ls_shell.number_reflns_obs 
_refine_ls_shell.number_reflns_R_free 
_refine_ls_shell.number_reflns_R_work 
_refine_ls_shell.percent_reflns_obs 
_refine_ls_shell.percent_reflns_R_free 
_refine_ls_shell.R_factor_all 
_refine_ls_shell.R_factor_obs 
_refine_ls_shell.R_factor_R_free 
_refine_ls_shell.R_factor_R_free_error 
_refine_ls_shell.R_factor_R_work 
_refine_ls_shell.redundancy_reflns_all 
_refine_ls_shell.redundancy_reflns_obs 
_refine_ls_shell.wR_factor_all 
_refine_ls_shell.wR_factor_obs 
_refine_ls_shell.wR_factor_R_free 
_refine_ls_shell.wR_factor_R_work 
_refine_ls_shell.pdbx_total_number_of_bins_used 
_refine_ls_shell.pdbx_phase_error 
_refine_ls_shell.pdbx_fsc_work 
_refine_ls_shell.pdbx_fsc_free 
'X-RAY DIFFRACTION' 1.0292 1.1327  . . 135 1239 98.00  . . . 0.1833 . 0.1659 . . . . . . . . . . 
'X-RAY DIFFRACTION' 1.1327 1.2966  . . 138 1266 100.00 . . . 0.1704 . 0.1667 . . . . . . . . . . 
'X-RAY DIFFRACTION' 1.2966 1.6334  . . 147 1265 100.00 . . . 0.2292 . 0.1843 . . . . . . . . . . 
'X-RAY DIFFRACTION' 1.6334 17.5612 . . 134 1268 100.00 . . . 0.2351 . 0.2194 . . . . . . . . . . 
# 
_struct.entry_id                     6DL1 
_struct.title                        'Racemic structure of jatrophidin, an orbitide from Jatropha curcas' 
_struct.pdbx_model_details           ? 
_struct.pdbx_formula_weight          ? 
_struct.pdbx_formula_weight_method   ? 
_struct.pdbx_model_type_details      ? 
_struct.pdbx_CASP_flag               N 
# 
_struct_keywords.entry_id        6DL1 
_struct_keywords.text            'cyclic peptide, PLANT PROTEIN' 
_struct_keywords.pdbx_keywords   'PLANT PROTEIN' 
# 
loop_
_struct_asym.id 
_struct_asym.pdbx_blank_PDB_chainid_flag 
_struct_asym.pdbx_modified 
_struct_asym.entity_id 
_struct_asym.details 
A N N 1 ? 
B N N 2 ? 
# 
_struct_ref.id                         1 
_struct_ref.db_name                    PDB 
_struct_ref.db_code                    6DL1 
_struct_ref.pdbx_db_accession          6DL1 
_struct_ref.pdbx_db_isoform            ? 
_struct_ref.entity_id                  1 
_struct_ref.pdbx_seq_one_letter_code   ? 
_struct_ref.pdbx_align_begin           1 
# 
_struct_ref_seq.align_id                      1 
_struct_ref_seq.ref_id                        1 
_struct_ref_seq.pdbx_PDB_id_code              6DL1 
_struct_ref_seq.pdbx_strand_id                A 
_struct_ref_seq.seq_align_beg                 1 
_struct_ref_seq.pdbx_seq_align_beg_ins_code   ? 
_struct_ref_seq.seq_align_end                 8 
_struct_ref_seq.pdbx_seq_align_end_ins_code   ? 
_struct_ref_seq.pdbx_db_accession             6DL1 
_struct_ref_seq.db_align_beg                  1 
_struct_ref_seq.pdbx_db_align_beg_ins_code    ? 
_struct_ref_seq.db_align_end                  8 
_struct_ref_seq.pdbx_db_align_end_ins_code    ? 
_struct_ref_seq.pdbx_auth_seq_align_beg       1 
_struct_ref_seq.pdbx_auth_seq_align_end       8 
# 
_pdbx_struct_assembly.id                   1 
_pdbx_struct_assembly.details              author_defined_assembly 
_pdbx_struct_assembly.method_details       ? 
_pdbx_struct_assembly.oligomeric_details   monomeric 
_pdbx_struct_assembly.oligomeric_count     1 
# 
loop_
_pdbx_struct_assembly_prop.biol_id 
_pdbx_struct_assembly_prop.type 
_pdbx_struct_assembly_prop.value 
_pdbx_struct_assembly_prop.details 
1 'ABSA (A^2)' 0    ? 
1 MORE         0    ? 
1 'SSA (A^2)'  1020 ? 
# 
_pdbx_struct_assembly_gen.assembly_id       1 
_pdbx_struct_assembly_gen.oper_expression   1 
_pdbx_struct_assembly_gen.asym_id_list      A,B 
# 
_pdbx_struct_oper_list.id                   1 
_pdbx_struct_oper_list.type                 'identity operation' 
_pdbx_struct_oper_list.name                 1_555 
_pdbx_struct_oper_list.symmetry_operation   x,y,z 
_pdbx_struct_oper_list.matrix[1][1]         1.0000000000 
_pdbx_struct_oper_list.matrix[1][2]         0.0000000000 
_pdbx_struct_oper_list.matrix[1][3]         0.0000000000 
_pdbx_struct_oper_list.vector[1]            0.0000000000 
_pdbx_struct_oper_list.matrix[2][1]         0.0000000000 
_pdbx_struct_oper_list.matrix[2][2]         1.0000000000 
_pdbx_struct_oper_list.matrix[2][3]         0.0000000000 
_pdbx_struct_oper_list.vector[2]            0.0000000000 
_pdbx_struct_oper_list.matrix[3][1]         0.0000000000 
_pdbx_struct_oper_list.matrix[3][2]         0.0000000000 
_pdbx_struct_oper_list.matrix[3][3]         1.0000000000 
_pdbx_struct_oper_list.vector[3]            0.0000000000 
# 
_struct_conn.id                            covale1 
_struct_conn.conn_type_id                  covale 
_struct_conn.pdbx_leaving_atom_flag        both 
_struct_conn.pdbx_PDB_id                   ? 
_struct_conn.ptnr1_label_asym_id           A 
_struct_conn.ptnr1_label_comp_id           PRO 
_struct_conn.ptnr1_label_seq_id            1 
_struct_conn.ptnr1_label_atom_id           N 
_struct_conn.pdbx_ptnr1_label_alt_id       ? 
_struct_conn.pdbx_ptnr1_PDB_ins_code       ? 
_struct_conn.pdbx_ptnr1_standard_comp_id   ? 
_struct_conn.ptnr1_symmetry                1_555 
_struct_conn.ptnr2_label_asym_id           A 
_struct_conn.ptnr2_label_comp_id           GLY 
_struct_conn.ptnr2_label_seq_id            8 
_struct_conn.ptnr2_label_atom_id           C 
_struct_conn.pdbx_ptnr2_label_alt_id       ? 
_struct_conn.pdbx_ptnr2_PDB_ins_code       ? 
_struct_conn.ptnr1_auth_asym_id            A 
_struct_conn.ptnr1_auth_comp_id            PRO 
_struct_conn.ptnr1_auth_seq_id             1 
_struct_conn.ptnr2_auth_asym_id            A 
_struct_conn.ptnr2_auth_comp_id            GLY 
_struct_conn.ptnr2_auth_seq_id             8 
_struct_conn.ptnr2_symmetry                1_555 
_struct_conn.pdbx_ptnr3_label_atom_id      ? 
_struct_conn.pdbx_ptnr3_label_seq_id       ? 
_struct_conn.pdbx_ptnr3_label_comp_id      ? 
_struct_conn.pdbx_ptnr3_label_asym_id      ? 
_struct_conn.pdbx_ptnr3_label_alt_id       ? 
_struct_conn.pdbx_ptnr3_PDB_ins_code       ? 
_struct_conn.details                       ? 
_struct_conn.pdbx_dist_value               1.332 
_struct_conn.pdbx_value_order              sing 
_struct_conn.pdbx_role                     ? 
# 
_struct_conn_type.id          covale 
_struct_conn_type.criteria    ? 
_struct_conn_type.reference   ? 
# 
_pdbx_modification_feature.ordinal                            1 
_pdbx_modification_feature.label_comp_id                      PRO 
_pdbx_modification_feature.label_asym_id                      A 
_pdbx_modification_feature.label_seq_id                       1 
_pdbx_modification_feature.label_alt_id                       ? 
_pdbx_modification_feature.modified_residue_label_comp_id     GLY 
_pdbx_modification_feature.modified_residue_label_asym_id     A 
_pdbx_modification_feature.modified_residue_label_seq_id      8 
_pdbx_modification_feature.modified_residue_label_alt_id      ? 
_pdbx_modification_feature.auth_comp_id                       PRO 
_pdbx_modification_feature.auth_asym_id                       A 
_pdbx_modification_feature.auth_seq_id                        1 
_pdbx_modification_feature.PDB_ins_code                       ? 
_pdbx_modification_feature.symmetry                           1_555 
_pdbx_modification_feature.modified_residue_auth_comp_id      GLY 
_pdbx_modification_feature.modified_residue_auth_asym_id      A 
_pdbx_modification_feature.modified_residue_auth_seq_id       8 
_pdbx_modification_feature.modified_residue_PDB_ins_code      ? 
_pdbx_modification_feature.modified_residue_symmetry          1_555 
_pdbx_modification_feature.comp_id_linking_atom               N 
_pdbx_modification_feature.modified_residue_id_linking_atom   C 
_pdbx_modification_feature.modified_residue_id                . 
_pdbx_modification_feature.ref_pcm_id                         . 
_pdbx_modification_feature.ref_comp_id                        . 
_pdbx_modification_feature.type                               None 
_pdbx_modification_feature.category                           'Non-standard linkage' 
# 
_pdbx_entry_details.entry_id                   6DL1 
_pdbx_entry_details.compound_details           ? 
_pdbx_entry_details.source_details             ? 
_pdbx_entry_details.nonpolymer_details         ? 
_pdbx_entry_details.sequence_details           ? 
_pdbx_entry_details.has_ligand_of_interest     ? 
_pdbx_entry_details.has_protein_modification   Y 
# 
loop_
_chem_comp_atom.comp_id 
_chem_comp_atom.atom_id 
_chem_comp_atom.type_symbol 
_chem_comp_atom.pdbx_aromatic_flag 
_chem_comp_atom.pdbx_stereo_config 
_chem_comp_atom.pdbx_ordinal 
ASN N    N N N 1  
ASN CA   C N S 2  
ASN C    C N N 3  
ASN O    O N N 4  
ASN CB   C N N 5  
ASN CG   C N N 6  
ASN OD1  O N N 7  
ASN ND2  N N N 8  
ASN OXT  O N N 9  
ASN H    H N N 10 
ASN H2   H N N 11 
ASN HA   H N N 12 
ASN HB2  H N N 13 
ASN HB3  H N N 14 
ASN HD21 H N N 15 
ASN HD22 H N N 16 
ASN HXT  H N N 17 
GLY N    N N N 18 
GLY CA   C N N 19 
GLY C    C N N 20 
GLY O    O N N 21 
GLY OXT  O N N 22 
GLY H    H N N 23 
GLY H2   H N N 24 
GLY HA2  H N N 25 
GLY HA3  H N N 26 
GLY HXT  H N N 27 
HOH O    O N N 28 
HOH H1   H N N 29 
HOH H2   H N N 30 
LEU N    N N N 31 
LEU CA   C N S 32 
LEU C    C N N 33 
LEU O    O N N 34 
LEU CB   C N N 35 
LEU CG   C N N 36 
LEU CD1  C N N 37 
LEU CD2  C N N 38 
LEU OXT  O N N 39 
LEU H    H N N 40 
LEU H2   H N N 41 
LEU HA   H N N 42 
LEU HB2  H N N 43 
LEU HB3  H N N 44 
LEU HG   H N N 45 
LEU HD11 H N N 46 
LEU HD12 H N N 47 
LEU HD13 H N N 48 
LEU HD21 H N N 49 
LEU HD22 H N N 50 
LEU HD23 H N N 51 
LEU HXT  H N N 52 
PRO N    N N N 53 
PRO CA   C N S 54 
PRO C    C N N 55 
PRO O    O N N 56 
PRO CB   C N N 57 
PRO CG   C N N 58 
PRO CD   C N N 59 
PRO OXT  O N N 60 
PRO H    H N N 61 
PRO HA   H N N 62 
PRO HB2  H N N 63 
PRO HB3  H N N 64 
PRO HG2  H N N 65 
PRO HG3  H N N 66 
PRO HD2  H N N 67 
PRO HD3  H N N 68 
PRO HXT  H N N 69 
TRP N    N N N 70 
TRP CA   C N S 71 
TRP C    C N N 72 
TRP O    O N N 73 
TRP CB   C N N 74 
TRP CG   C Y N 75 
TRP CD1  C Y N 76 
TRP CD2  C Y N 77 
TRP NE1  N Y N 78 
TRP CE2  C Y N 79 
TRP CE3  C Y N 80 
TRP CZ2  C Y N 81 
TRP CZ3  C Y N 82 
TRP CH2  C Y N 83 
TRP OXT  O N N 84 
TRP H    H N N 85 
TRP H2   H N N 86 
TRP HA   H N N 87 
TRP HB2  H N N 88 
TRP HB3  H N N 89 
TRP HD1  H N N 90 
TRP HE1  H N N 91 
TRP HE3  H N N 92 
TRP HZ2  H N N 93 
TRP HZ3  H N N 94 
TRP HH2  H N N 95 
TRP HXT  H N N 96 
# 
loop_
_chem_comp_bond.comp_id 
_chem_comp_bond.atom_id_1 
_chem_comp_bond.atom_id_2 
_chem_comp_bond.value_order 
_chem_comp_bond.pdbx_aromatic_flag 
_chem_comp_bond.pdbx_stereo_config 
_chem_comp_bond.pdbx_ordinal 
ASN N   CA   sing N N 1  
ASN N   H    sing N N 2  
ASN N   H2   sing N N 3  
ASN CA  C    sing N N 4  
ASN CA  CB   sing N N 5  
ASN CA  HA   sing N N 6  
ASN C   O    doub N N 7  
ASN C   OXT  sing N N 8  
ASN CB  CG   sing N N 9  
ASN CB  HB2  sing N N 10 
ASN CB  HB3  sing N N 11 
ASN CG  OD1  doub N N 12 
ASN CG  ND2  sing N N 13 
ASN ND2 HD21 sing N N 14 
ASN ND2 HD22 sing N N 15 
ASN OXT HXT  sing N N 16 
GLY N   CA   sing N N 17 
GLY N   H    sing N N 18 
GLY N   H2   sing N N 19 
GLY CA  C    sing N N 20 
GLY CA  HA2  sing N N 21 
GLY CA  HA3  sing N N 22 
GLY C   O    doub N N 23 
GLY C   OXT  sing N N 24 
GLY OXT HXT  sing N N 25 
HOH O   H1   sing N N 26 
HOH O   H2   sing N N 27 
LEU N   CA   sing N N 28 
LEU N   H    sing N N 29 
LEU N   H2   sing N N 30 
LEU CA  C    sing N N 31 
LEU CA  CB   sing N N 32 
LEU CA  HA   sing N N 33 
LEU C   O    doub N N 34 
LEU C   OXT  sing N N 35 
LEU CB  CG   sing N N 36 
LEU CB  HB2  sing N N 37 
LEU CB  HB3  sing N N 38 
LEU CG  CD1  sing N N 39 
LEU CG  CD2  sing N N 40 
LEU CG  HG   sing N N 41 
LEU CD1 HD11 sing N N 42 
LEU CD1 HD12 sing N N 43 
LEU CD1 HD13 sing N N 44 
LEU CD2 HD21 sing N N 45 
LEU CD2 HD22 sing N N 46 
LEU CD2 HD23 sing N N 47 
LEU OXT HXT  sing N N 48 
PRO N   CA   sing N N 49 
PRO N   CD   sing N N 50 
PRO N   H    sing N N 51 
PRO CA  C    sing N N 52 
PRO CA  CB   sing N N 53 
PRO CA  HA   sing N N 54 
PRO C   O    doub N N 55 
PRO C   OXT  sing N N 56 
PRO CB  CG   sing N N 57 
PRO CB  HB2  sing N N 58 
PRO CB  HB3  sing N N 59 
PRO CG  CD   sing N N 60 
PRO CG  HG2  sing N N 61 
PRO CG  HG3  sing N N 62 
PRO CD  HD2  sing N N 63 
PRO CD  HD3  sing N N 64 
PRO OXT HXT  sing N N 65 
TRP N   CA   sing N N 66 
TRP N   H    sing N N 67 
TRP N   H2   sing N N 68 
TRP CA  C    sing N N 69 
TRP CA  CB   sing N N 70 
TRP CA  HA   sing N N 71 
TRP C   O    doub N N 72 
TRP C   OXT  sing N N 73 
TRP CB  CG   sing N N 74 
TRP CB  HB2  sing N N 75 
TRP CB  HB3  sing N N 76 
TRP CG  CD1  doub Y N 77 
TRP CG  CD2  sing Y N 78 
TRP CD1 NE1  sing Y N 79 
TRP CD1 HD1  sing N N 80 
TRP CD2 CE2  doub Y N 81 
TRP CD2 CE3  sing Y N 82 
TRP NE1 CE2  sing Y N 83 
TRP NE1 HE1  sing N N 84 
TRP CE2 CZ2  sing Y N 85 
TRP CE3 CZ3  doub Y N 86 
TRP CE3 HE3  sing N N 87 
TRP CZ2 CH2  doub Y N 88 
TRP CZ2 HZ2  sing N N 89 
TRP CZ3 CH2  sing Y N 90 
TRP CZ3 HZ3  sing N N 91 
TRP CH2 HH2  sing N N 92 
TRP OXT HXT  sing N N 93 
# 
loop_
_pdbx_audit_support.funding_organization 
_pdbx_audit_support.country 
_pdbx_audit_support.grant_number 
_pdbx_audit_support.ordinal 
'Sao Paulo Research Foundation (FAPESP)' Brazil    '#2016/13148-4' 1 
'Australian Research Council (ARC)'      Australia FL150100146     2 
# 
_atom_sites.entry_id                    6DL1 
_atom_sites.fract_transf_matrix[1][1]   -0.01274309 
_atom_sites.fract_transf_matrix[1][2]   0.03846801 
_atom_sites.fract_transf_matrix[1][3]   -0.02747537 
_atom_sites.fract_transf_matrix[2][1]   -0.06240169 
_atom_sites.fract_transf_matrix[2][2]   0.03413112 
_atom_sites.fract_transf_matrix[2][3]   0.07672860 
_atom_sites.fract_transf_matrix[3][1]   0.02457236 
_atom_sites.fract_transf_matrix[3][2]   0.01968056 
_atom_sites.fract_transf_matrix[3][3]   0.01122967 
_atom_sites.fract_transf_vector[1]      -0.779966 
_atom_sites.fract_transf_vector[2]      0.370290 
_atom_sites.fract_transf_vector[3]      1.078057 
# 
loop_
_atom_type.symbol 
C 
H 
N 
O 
# 
loop_
_atom_site.group_PDB 
_atom_site.id 
_atom_site.type_symbol 
_atom_site.label_atom_id 
_atom_site.label_alt_id 
_atom_site.label_comp_id 
_atom_site.label_asym_id 
_atom_site.label_entity_id 
_atom_site.label_seq_id 
_atom_site.pdbx_PDB_ins_code 
_atom_site.Cartn_x 
_atom_site.Cartn_y 
_atom_site.Cartn_z 
_atom_site.occupancy 
_atom_site.B_iso_or_equiv 
_atom_site.pdbx_formal_charge 
_atom_site.auth_seq_id 
_atom_site.auth_comp_id 
_atom_site.auth_asym_id 
_atom_site.auth_atom_id 
_atom_site.pdbx_PDB_model_num 
ATOM   1   N N    . PRO A 1 1 ? 1.149  -2.854 2.809  1.00 5.12 ? 1   PRO A N    1 
ATOM   2   C CA   . PRO A 1 1 ? 0.780  -2.131 4.030  1.00 5.24 ? 1   PRO A CA   1 
ATOM   3   C C    . PRO A 1 1 ? 0.984  -0.614 3.920  1.00 5.08 ? 1   PRO A C    1 
ATOM   4   O O    . PRO A 1 1 ? 0.345  0.141  4.657  1.00 5.55 ? 1   PRO A O    1 
ATOM   5   C CB   . PRO A 1 1 ? 1.709  -2.741 5.086  1.00 5.75 ? 1   PRO A CB   1 
ATOM   6   C CG   . PRO A 1 1 ? 2.891  -3.229 4.308  1.00 5.99 ? 1   PRO A CG   1 
ATOM   7   C CD   . PRO A 1 1 ? 2.309  -3.739 3.014  1.00 5.44 ? 1   PRO A CD   1 
ATOM   8   H HA   . PRO A 1 1 ? -0.141 -2.316 4.267  1.00 6.28 ? 1   PRO A HA   1 
ATOM   9   H HB2  . PRO A 1 1 ? 1.974  -2.060 5.724  1.00 6.90 ? 1   PRO A HB2  1 
ATOM   10  H HB3  . PRO A 1 1 ? 1.261  -3.477 5.531  1.00 6.90 ? 1   PRO A HB3  1 
ATOM   11  H HG2  . PRO A 1 1 ? 3.502  -2.495 4.144  1.00 7.19 ? 1   PRO A HG2  1 
ATOM   12  H HG3  . PRO A 1 1 ? 3.331  -3.944 4.793  1.00 7.19 ? 1   PRO A HG3  1 
ATOM   13  H HD2  . PRO A 1 1 ? 2.946  -3.637 2.290  1.00 6.53 ? 1   PRO A HD2  1 
ATOM   14  H HD3  . PRO A 1 1 ? 2.020  -4.660 3.111  1.00 6.53 ? 1   PRO A HD3  1 
ATOM   15  N N    . GLY A 1 2 ? 1.849  -0.166 3.013  1.00 4.95 ? 2   GLY A N    1 
ATOM   16  C CA   . GLY A 1 2 ? 2.052  1.257  2.819  1.00 4.85 ? 2   GLY A CA   1 
ATOM   17  C C    . GLY A 1 2 ? 0.815  1.929  2.240  1.00 4.83 ? 2   GLY A C    1 
ATOM   18  O O    . GLY A 1 2 ? 0.068  1.343  1.451  1.00 5.32 ? 2   GLY A O    1 
ATOM   19  H H    . GLY A 1 2 ? 2.327  -0.667 2.502  1.00 5.94 ? 2   GLY A H    1 
ATOM   20  H HA2  . GLY A 1 2 ? 2.262  1.675  3.670  1.00 5.82 ? 2   GLY A HA2  1 
ATOM   21  H HA3  . GLY A 1 2 ? 2.795  1.401  2.213  1.00 5.82 ? 2   GLY A HA3  1 
ATOM   22  N N    . LEU A 1 3 ? 0.641  3.199  2.556  1.00 4.84 ? 3   LEU A N    1 
ATOM   23  C CA   . LEU A 1 3 ? -0.495 3.996  2.123  1.00 4.96 ? 3   LEU A CA   1 
ATOM   24  C C    . LEU A 1 3 ? -0.688 4.016  0.604  1.00 4.86 ? 3   LEU A C    1 
ATOM   25  O O    . LEU A 1 3 ? -1.803 3.839  0.105  1.00 5.22 ? 3   LEU A O    1 
ATOM   26  C CB   . LEU A 1 3 ? -0.327 5.434  2.628  1.00 4.99 ? 3   LEU A CB   1 
ATOM   27  C CG   . LEU A 1 3 ? -1.367 6.441  2.130  1.00 5.11 ? 3   LEU A CG   1 
ATOM   28  C CD1  . LEU A 1 3 ? -2.768 6.092  2.634  1.00 5.42 ? 3   LEU A CD1  1 
ATOM   29  C CD2  . LEU A 1 3 ? -0.976 7.843  2.557  1.00 5.55 ? 3   LEU A CD2  1 
ATOM   30  H HA   . LEU A 1 3 ? -1.303 3.633  2.520  1.00 5.96 ? 3   LEU A HA   1 
ATOM   31  H HB2  . LEU A 1 3 ? -0.373 5.424  3.597  1.00 5.99 ? 3   LEU A HB2  1 
ATOM   32  H HB3  . LEU A 1 3 ? 0.545  5.754  2.350  1.00 5.99 ? 3   LEU A HB3  1 
ATOM   33  H HG   . LEU A 1 3 ? -1.385 6.419  1.161  1.00 6.13 ? 3   LEU A HG   1 
ATOM   34  H HD11 . LEU A 1 3 ? -3.396 6.750  2.299  1.00 6.51 ? 3   LEU A HD11 1 
ATOM   35  H HD12 . LEU A 1 3 ? -3.008 5.209  2.310  1.00 6.51 ? 3   LEU A HD12 1 
ATOM   36  H HD13 . LEU A 1 3 ? -2.765 6.099  3.604  1.00 6.51 ? 3   LEU A HD13 1 
ATOM   37  H HD21 . LEU A 1 3 ? -1.643 8.469  2.235  1.00 6.65 ? 3   LEU A HD21 1 
ATOM   38  H HD22 . LEU A 1 3 ? -0.930 7.878  3.525  1.00 6.65 ? 3   LEU A HD22 1 
ATOM   39  H HD23 . LEU A 1 3 ? -0.110 8.058  2.176  1.00 6.65 ? 3   LEU A HD23 1 
ATOM   40  N N    . LEU A 1 4 ? 0.379  4.292  -0.141 1.00 4.83 ? 4   LEU A N    1 
ATOM   41  C CA   . LEU A 1 4 ? 0.243  4.524  -1.574 1.00 4.88 ? 4   LEU A CA   1 
ATOM   42  C C    . LEU A 1 4 ? 0.140  3.233  -2.387 1.00 4.90 ? 4   LEU A C    1 
ATOM   43  O O    . LEU A 1 4 ? -0.296 3.269  -3.543 1.00 5.19 ? 4   LEU A O    1 
ATOM   44  C CB   . LEU A 1 4 ? 1.408  5.375  -2.095 1.00 5.07 ? 4   LEU A CB   1 
ATOM   45  C CG   . LEU A 1 4 ? 1.555  6.764  -1.455 1.00 5.50 ? 4   LEU A CG   1 
ATOM   46  C CD1  . LEU A 1 4 ? 2.770  7.475  -2.026 1.00 5.85 ? 4   LEU A CD1  1 
ATOM   47  C CD2  . LEU A 1 4 ? 0.296  7.612  -1.640 1.00 6.01 ? 4   LEU A CD2  1 
ATOM   48  H H    . LEU A 1 4 ? 1.183  4.349  0.155  1.00 5.80 ? 4   LEU A H    1 
ATOM   49  H HA   . LEU A 1 4 ? -0.573 5.026  -1.724 1.00 5.85 ? 4   LEU A HA   1 
ATOM   50  H HB2  . LEU A 1 4 ? 2.235  4.893  -1.935 1.00 6.08 ? 4   LEU A HB2  1 
ATOM   51  H HB3  . LEU A 1 4 ? 1.289  5.506  -3.049 1.00 6.08 ? 4   LEU A HB3  1 
ATOM   52  H HG   . LEU A 1 4 ? 1.698  6.654  -0.502 1.00 6.59 ? 4   LEU A HG   1 
ATOM   53  H HD11 . LEU A 1 4 ? 2.848  8.348  -1.611 1.00 7.02 ? 4   LEU A HD11 1 
ATOM   54  H HD12 . LEU A 1 4 ? 3.562  6.947  -1.837 1.00 7.02 ? 4   LEU A HD12 1 
ATOM   55  H HD13 . LEU A 1 4 ? 2.658  7.571  -2.985 1.00 7.02 ? 4   LEU A HD13 1 
ATOM   56  H HD21 . LEU A 1 4 ? 0.432  8.476  -1.222 1.00 7.21 ? 4   LEU A HD21 1 
ATOM   57  H HD22 . LEU A 1 4 ? 0.128  7.725  -2.589 1.00 7.21 ? 4   LEU A HD22 1 
ATOM   58  H HD23 . LEU A 1 4 ? -0.454 7.158  -1.225 1.00 7.21 ? 4   LEU A HD23 1 
ATOM   59  N N    . ASN A 1 5 ? 0.553  2.116  -1.788 1.00 4.97 ? 5   ASN A N    1 
ATOM   60  C CA   . ASN A 1 5 ? 0.607  0.820  -2.444 1.00 5.04 ? 5   ASN A CA   1 
ATOM   61  C C    . ASN A 1 5 ? -0.678 0.053  -2.142 1.00 5.11 ? 5   ASN A C    1 
ATOM   62  O O    . ASN A 1 5 ? -0.875 -0.413 -1.017 1.00 5.45 ? 5   ASN A O    1 
ATOM   63  C CB   . ASN A 1 5 ? 1.838  0.077  -1.908 1.00 5.41 ? 5   ASN A CB   1 
ATOM   64  C CG   . ASN A 1 5 ? 2.104  -1.228 -2.629 1.00 5.73 ? 5   ASN A CG   1 
ATOM   65  O OD1  . ASN A 1 5 ? 1.199  -1.843 -3.194 1.00 6.35 ? 5   ASN A OD1  1 
ATOM   66  N ND2  . ASN A 1 5 ? 3.351  -1.677 -2.581 1.00 6.16 ? 5   ASN A ND2  1 
ATOM   67  H H    . ASN A 1 5 ? 0.815  2.090  -0.968 1.00 5.96 ? 5   ASN A H    1 
ATOM   68  H HA   . ASN A 1 5 ? 0.694  0.933  -3.403 1.00 6.05 ? 5   ASN A HA   1 
ATOM   69  H HB2  . ASN A 1 5 ? 2.618  0.642  -2.016 1.00 6.49 ? 5   ASN A HB2  1 
ATOM   70  H HB3  . ASN A 1 5 ? 1.701  -0.123 -0.969 1.00 6.49 ? 5   ASN A HB3  1 
ATOM   71  H HD21 . ASN A 1 5 ? 3.559  -2.413 -2.974 1.00 7.39 ? 5   ASN A HD21 1 
ATOM   72  H HD22 . ASN A 1 5 ? 3.953  -1.230 -2.159 1.00 7.39 ? 5   ASN A HD22 1 
ATOM   73  N N    . LEU A 1 6 ? -1.558 -0.079 -3.129 1.00 5.11 ? 6   LEU A N    1 
ATOM   74  C CA   . LEU A 1 6 ? -2.830 -0.760 -2.913 1.00 5.23 ? 6   LEU A CA   1 
ATOM   75  C C    . LEU A 1 6 ? -2.670 -2.219 -2.510 1.00 5.24 ? 6   LEU A C    1 
ATOM   76  O O    . LEU A 1 6 ? -3.608 -2.810 -1.971 1.00 5.64 ? 6   LEU A O    1 
ATOM   77  C CB   . LEU A 1 6 ? -3.688 -0.700 -4.174 1.00 5.61 ? 6   LEU A CB   1 
ATOM   78  C CG   . LEU A 1 6 ? -4.166 0.676  -4.623 1.00 6.39 ? 6   LEU A CG   1 
ATOM   79  C CD1  . LEU A 1 6 ? -4.848 0.546  -5.982 1.00 6.91 ? 6   LEU A CD1  1 
ATOM   80  C CD2  . LEU A 1 6 ? -5.113 1.302  -3.610 1.00 7.03 ? 6   LEU A CD2  1 
ATOM   81  H H    . LEU A 1 6 ? -1.444 0.216  -3.930 1.00 6.14 ? 6   LEU A H    1 
ATOM   82  H HA   . LEU A 1 6 ? -3.312 -0.306 -2.203 1.00 6.27 ? 6   LEU A HA   1 
ATOM   83  H HB2  . LEU A 1 6 ? -3.174 -1.077 -4.907 1.00 6.73 ? 6   LEU A HB2  1 
ATOM   84  H HB3  . LEU A 1 6 ? -4.479 -1.243 -4.028 1.00 6.73 ? 6   LEU A HB3  1 
ATOM   85  H HG   . LEU A 1 6 ? -3.400 1.262  -4.723 1.00 7.67 ? 6   LEU A HG   1 
ATOM   86  H HD11 . LEU A 1 6 ? -5.151 1.422  -6.267 1.00 8.29 ? 6   LEU A HD11 1 
ATOM   87  H HD12 . LEU A 1 6 ? -4.210 0.193  -6.622 1.00 8.29 ? 6   LEU A HD12 1 
ATOM   88  H HD13 . LEU A 1 6 ? -5.603 -0.056 -5.900 1.00 8.29 ? 6   LEU A HD13 1 
ATOM   89  H HD21 . LEU A 1 6 ? -5.390 2.173  -3.935 1.00 8.43 ? 6   LEU A HD21 1 
ATOM   90  H HD22 . LEU A 1 6 ? -5.886 0.726  -3.504 1.00 8.43 ? 6   LEU A HD22 1 
ATOM   91  H HD23 . LEU A 1 6 ? -4.651 1.397  -2.763 1.00 8.43 ? 6   LEU A HD23 1 
ATOM   92  N N    . TRP A 1 7 ? -1.508 -2.808 -2.788 1.00 5.12 ? 7   TRP A N    1 
ATOM   93  C CA   . TRP A 1 7 ? -1.285 -4.224 -2.528 1.00 5.27 ? 7   TRP A CA   1 
ATOM   94  C C    . TRP A 1 7 ? -0.363 -4.460 -1.329 1.00 5.57 ? 7   TRP A C    1 
ATOM   95  O O    . TRP A 1 7 ? -0.005 -5.602 -1.041 1.00 6.36 ? 7   TRP A O    1 
ATOM   96  C CB   . TRP A 1 7 ? -0.718 -4.897 -3.781 1.00 5.35 ? 7   TRP A CB   1 
ATOM   97  C CG   . TRP A 1 7 ? -1.671 -4.837 -4.956 1.00 5.52 ? 7   TRP A CG   1 
ATOM   98  C CD1  . TRP A 1 7 ? -2.632 -5.759 -5.283 1.00 6.00 ? 7   TRP A CD1  1 
ATOM   99  C CD2  . TRP A 1 7 ? -1.761 -3.801 -5.943 1.00 5.36 ? 7   TRP A CD2  1 
ATOM   100 N NE1  . TRP A 1 7 ? -3.308 -5.361 -6.408 1.00 6.18 ? 7   TRP A NE1  1 
ATOM   101 C CE2  . TRP A 1 7 ? -2.794 -4.163 -6.834 1.00 5.72 ? 7   TRP A CE2  1 
ATOM   102 C CE3  . TRP A 1 7 ? -1.068 -2.605 -6.164 1.00 5.49 ? 7   TRP A CE3  1 
ATOM   103 C CZ2  . TRP A 1 7 ? -3.143 -3.379 -7.926 1.00 5.95 ? 7   TRP A CZ2  1 
ATOM   104 C CZ3  . TRP A 1 7 ? -1.420 -1.825 -7.253 1.00 5.85 ? 7   TRP A CZ3  1 
ATOM   105 C CH2  . TRP A 1 7 ? -2.445 -2.216 -8.122 1.00 5.97 ? 7   TRP A CH2  1 
ATOM   106 H H    . TRP A 1 7 ? -0.831 -2.404 -3.130 1.00 6.15 ? 7   TRP A H    1 
ATOM   107 H HA   . TRP A 1 7 ? -2.138 -4.641 -2.329 1.00 6.32 ? 7   TRP A HA   1 
ATOM   108 H HB2  . TRP A 1 7 ? 0.103  -4.449 -4.038 1.00 6.42 ? 7   TRP A HB2  1 
ATOM   109 H HB3  . TRP A 1 7 ? -0.539 -5.830 -3.586 1.00 6.42 ? 7   TRP A HB3  1 
ATOM   110 H HD1  . TRP A 1 7 ? -2.804 -6.539 -4.806 1.00 7.20 ? 7   TRP A HD1  1 
ATOM   111 H HE1  . TRP A 1 7 ? -3.948 -5.793 -6.785 1.00 7.42 ? 7   TRP A HE1  1 
ATOM   112 H HE3  . TRP A 1 7 ? -0.383 -2.343 -5.593 1.00 6.59 ? 7   TRP A HE3  1 
ATOM   113 H HZ2  . TRP A 1 7 ? -3.826 -3.634 -8.504 1.00 7.15 ? 7   TRP A HZ2  1 
ATOM   114 H HZ3  . TRP A 1 7 ? -0.966 -1.028 -7.409 1.00 7.02 ? 7   TRP A HZ3  1 
ATOM   115 H HH2  . TRP A 1 7 ? -2.664 -1.670 -8.842 1.00 7.16 ? 7   TRP A HH2  1 
ATOM   116 N N    . GLY A 1 8 ? 0.009  -3.388 -0.632 1.00 5.55 ? 8   GLY A N    1 
ATOM   117 C CA   . GLY A 1 8 ? 0.928  -3.483 0.487  1.00 5.46 ? 8   GLY A CA   1 
ATOM   118 C C    . GLY A 1 8 ? 0.457  -2.690 1.684  1.00 5.25 ? 8   GLY A C    1 
ATOM   119 O O    . GLY A 1 8 ? -0.505 -1.929 1.609  1.00 5.62 ? 8   GLY A O    1 
ATOM   120 H H    . GLY A 1 8 ? -0.263 -2.587 -0.794 1.00 6.66 ? 8   GLY A H    1 
ATOM   121 H HA2  . GLY A 1 8 ? 1.021  -4.412 0.751  1.00 6.56 ? 8   GLY A HA2  1 
ATOM   122 H HA3  . GLY A 1 8 ? 1.799  -3.150 0.220  1.00 6.56 ? 8   GLY A HA3  1 
HETATM 123 O O    . HOH B 2 . ? -4.565 -1.795 0.332  1.00 7.12 ? 101 HOH A O    1 
HETATM 124 O O    . HOH B 2 . ? -4.137 2.893  1.161  1.00 8.51 ? 102 HOH A O    1 
HETATM 125 O O    . HOH B 2 . ? -0.818 -0.428 7.163  1.00 6.43 ? 103 HOH A O    1 
HETATM 126 O O    . HOH B 2 . ? -0.792 1.408  -5.661 1.00 5.99 ? 104 HOH A O    1 
HETATM 127 O O    . HOH B 2 . ? 3.707  -1.250 1.088  1.00 6.64 ? 105 HOH A O    1 
HETATM 128 O O    . HOH B 2 . ? 2.802  -2.993 -5.609 1.00 6.89 ? 106 HOH A O    1 
HETATM 129 O O    . HOH B 2 . ? 5.015  0.397  -0.921 1.00 6.27 ? 107 HOH A O    1 
HETATM 130 O O    . HOH B 2 . ? 2.363  4.164  5.161  1.00 1.00 ? 108 HOH A O    1 
# 
loop_
_atom_site_anisotrop.id 
_atom_site_anisotrop.type_symbol 
_atom_site_anisotrop.pdbx_label_atom_id 
_atom_site_anisotrop.pdbx_label_alt_id 
_atom_site_anisotrop.pdbx_label_comp_id 
_atom_site_anisotrop.pdbx_label_asym_id 
_atom_site_anisotrop.pdbx_label_seq_id 
_atom_site_anisotrop.pdbx_PDB_ins_code 
_atom_site_anisotrop.U[1][1] 
_atom_site_anisotrop.U[2][2] 
_atom_site_anisotrop.U[3][3] 
_atom_site_anisotrop.U[1][2] 
_atom_site_anisotrop.U[1][3] 
_atom_site_anisotrop.U[2][3] 
_atom_site_anisotrop.pdbx_auth_seq_id 
_atom_site_anisotrop.pdbx_auth_comp_id 
_atom_site_anisotrop.pdbx_auth_asym_id 
_atom_site_anisotrop.pdbx_auth_atom_id 
1   N N   . PRO A 1 ? 0.0715 0.0620 0.0610 0.0045  -0.0052 0.0068  1 PRO A N   
2   C CA  . PRO A 1 ? 0.0743 0.0636 0.0611 0.0038  -0.0040 0.0063  1 PRO A CA  
3   C C   . PRO A 1 ? 0.0700 0.0608 0.0624 0.0068  -0.0021 0.0034  1 PRO A C   
4   O O   . PRO A 1 ? 0.0747 0.0650 0.0710 0.0054  -0.0013 0.0041  1 PRO A O   
5   C CB  . PRO A 1 ? 0.0879 0.0649 0.0656 0.0009  -0.0110 0.0075  1 PRO A CB  
6   C CG  . PRO A 1 ? 0.0867 0.0668 0.0740 0.0014  -0.0169 0.0103  1 PRO A CG  
7   C CD  . PRO A 1 ? 0.0763 0.0628 0.0677 0.0051  -0.0111 0.0089  1 PRO A CD  
15  N N   . GLY A 2 ? 0.0676 0.0596 0.0610 0.0068  -0.0052 0.0027  2 GLY A N   
16  C CA  . GLY A 2 ? 0.0659 0.0581 0.0602 0.0061  -0.0048 0.0022  2 GLY A CA  
17  C C   . GLY A 2 ? 0.0624 0.0611 0.0600 0.0048  -0.0053 0.0046  2 GLY A C   
18  O O   . GLY A 2 ? 0.0672 0.0639 0.0710 0.0048  -0.0135 0.0050  2 GLY A O   
22  N N   . LEU A 3 ? 0.0589 0.0649 0.0602 0.0063  -0.0033 0.0055  3 LEU A N   
23  C CA  . LEU A 3 ? 0.0623 0.0660 0.0602 0.0047  -0.0062 0.0045  3 LEU A CA  
24  C C   . LEU A 3 ? 0.0599 0.0643 0.0603 0.0045  -0.0060 0.0035  3 LEU A C   
25  O O   . LEU A 3 ? 0.0620 0.0725 0.0641 -0.0005 -0.0105 0.0090  3 LEU A O   
26  C CB  . LEU A 3 ? 0.0654 0.0661 0.0581 0.0049  -0.0049 0.0032  3 LEU A CB  
27  C CG  . LEU A 3 ? 0.0687 0.0659 0.0594 0.0059  -0.0043 0.0025  3 LEU A CG  
28  C CD1 . LEU A 3 ? 0.0707 0.0668 0.0685 0.0059  -0.0063 0.0023  3 LEU A CD1 
29  C CD2 . LEU A 3 ? 0.0738 0.0647 0.0723 0.0052  -0.0091 0.0050  3 LEU A CD2 
40  N N   . LEU A 4 ? 0.0608 0.0635 0.0593 0.0046  -0.0063 0.0022  4 LEU A N   
41  C CA  . LEU A 4 ? 0.0604 0.0631 0.0618 0.0049  -0.0044 0.0036  4 LEU A CA  
42  C C   . LEU A 4 ? 0.0630 0.0634 0.0599 0.0033  -0.0055 0.0054  4 LEU A C   
43  O O   . LEU A 4 ? 0.0689 0.0657 0.0627 0.0028  -0.0091 0.0056  4 LEU A O   
44  C CB  . LEU A 4 ? 0.0644 0.0641 0.0640 0.0030  -0.0021 0.0036  4 LEU A CB  
45  C CG  . LEU A 4 ? 0.0700 0.0653 0.0735 0.0010  -0.0007 0.0020  4 LEU A CG  
46  C CD1 . LEU A 4 ? 0.0735 0.0673 0.0816 0.0000  -0.0040 0.0016  4 LEU A CD1 
47  C CD2 . LEU A 4 ? 0.0745 0.0669 0.0870 -0.0010 -0.0034 0.0031  4 LEU A CD2 
59  N N   . ASN A 5 ? 0.0675 0.0607 0.0606 0.0048  -0.0082 0.0043  5 ASN A N   
60  C CA  . ASN A 5 ? 0.0705 0.0600 0.0611 0.0059  -0.0066 0.0017  5 ASN A CA  
61  C C   . ASN A 5 ? 0.0713 0.0599 0.0631 0.0052  -0.0063 0.0041  5 ASN A C   
62  O O   . ASN A 5 ? 0.0754 0.0611 0.0705 0.0023  -0.0076 0.0065  5 ASN A O   
63  C CB  . ASN A 5 ? 0.0746 0.0627 0.0683 0.0063  -0.0094 -0.0001 5 ASN A CB  
64  C CG  . ASN A 5 ? 0.0771 0.0676 0.0730 0.0077  -0.0086 -0.0020 5 ASN A CG  
65  O OD1 . ASN A 5 ? 0.0869 0.0688 0.0858 0.0083  -0.0165 -0.0088 5 ASN A OD1 
66  N ND2 . ASN A 5 ? 0.0774 0.0744 0.0822 0.0082  -0.0078 0.0019  5 ASN A ND2 
73  N N   . LEU A 6 ? 0.0655 0.0635 0.0653 0.0045  -0.0052 0.0073  6 LEU A N   
74  C CA  . LEU A 6 ? 0.0619 0.0671 0.0696 0.0060  -0.0042 0.0083  6 LEU A CA  
75  C C   . LEU A 6 ? 0.0663 0.0667 0.0660 0.0030  -0.0032 0.0072  6 LEU A C   
76  O O   . LEU A 6 ? 0.0705 0.0676 0.0763 0.0000  -0.0067 0.0081  6 LEU A O   
77  C CB  . LEU A 6 ? 0.0626 0.0748 0.0757 0.0083  -0.0073 0.0112  6 LEU A CB  
78  C CG  . LEU A 6 ? 0.0696 0.0842 0.0889 0.0072  -0.0117 0.0162  6 LEU A CG  
79  C CD1 . LEU A 6 ? 0.0784 0.0914 0.0928 0.0024  -0.0191 0.0232  6 LEU A CD1 
80  C CD2 . LEU A 6 ? 0.0778 0.0890 0.1003 0.0087  -0.0150 0.0145  6 LEU A CD2 
92  N N   . TRP A 7 ? 0.0711 0.0632 0.0604 0.0032  -0.0043 0.0055  7 TRP A N   
93  C CA  . TRP A 7 ? 0.0752 0.0614 0.0637 0.0035  -0.0069 0.0052  7 TRP A CA  
94  C C   . TRP A 7 ? 0.0824 0.0614 0.0677 0.0034  -0.0130 0.0041  7 TRP A C   
95  O O   . TRP A 7 ? 0.0927 0.0637 0.0853 0.0029  -0.0256 0.0048  7 TRP A O   
96  C CB  . TRP A 7 ? 0.0749 0.0617 0.0666 0.0036  -0.0058 0.0043  7 TRP A CB  
97  C CG  . TRP A 7 ? 0.0778 0.0649 0.0671 0.0011  -0.0044 0.0026  7 TRP A CG  
98  C CD1 . TRP A 7 ? 0.0871 0.0709 0.0701 -0.0060 -0.0082 0.0075  7 TRP A CD1 
99  C CD2 . TRP A 7 ? 0.0720 0.0675 0.0641 0.0021  -0.0010 0.0030  7 TRP A CD2 
100 N NE1 . TRP A 7 ? 0.0890 0.0743 0.0715 -0.0072 -0.0098 0.0076  7 TRP A NE1 
101 C CE2 . TRP A 7 ? 0.0784 0.0736 0.0654 -0.0027 -0.0059 0.0056  7 TRP A CE2 
102 C CE3 . TRP A 7 ? 0.0733 0.0687 0.0666 0.0016  -0.0025 0.0047  7 TRP A CE3 
103 C CZ2 . TRP A 7 ? 0.0782 0.0789 0.0691 -0.0014 -0.0092 0.0073  7 TRP A CZ2 
104 C CZ3 . TRP A 7 ? 0.0786 0.0723 0.0715 -0.0008 -0.0056 0.0073  7 TRP A CZ3 
105 C CH2 . TRP A 7 ? 0.0781 0.0771 0.0716 -0.0002 -0.0077 0.0084  7 TRP A CH2 
116 N N   . GLY A 8 ? 0.0851 0.0603 0.0654 0.0037  -0.0141 0.0017  8 GLY A N   
117 C CA  . GLY A 8 ? 0.0786 0.0623 0.0667 0.0044  -0.0121 0.0034  8 GLY A CA  
118 C C   . GLY A 8 ? 0.0711 0.0633 0.0652 0.0054  -0.0086 0.0040  8 GLY A C   
119 O O   . GLY A 8 ? 0.0720 0.0691 0.0727 0.0039  -0.0125 0.0046  8 GLY A O   
# 
